data_5VWR
#
_entry.id   5VWR
#
_cell.length_a   84.400
_cell.length_b   155.521
_cell.length_c   77.409
_cell.angle_alpha   90.000
_cell.angle_beta   90.000
_cell.angle_gamma   90.000
#
_symmetry.space_group_name_H-M   'C 2 2 21'
#
loop_
_entity.id
_entity.type
_entity.pdbx_description
1 polymer 'Aspartate aminotransferase'
2 non-polymer '(E)-N-({3-hydroxy-2-methyl-5-[(phosphonooxy)methyl]pyridin-4-yl}methylidene)-L-glutamic acid'
3 non-polymer GLYCEROL
4 water water
#
_entity_poly.entity_id   1
_entity_poly.type   'polypeptide(L)'
_entity_poly.pdbx_seq_one_letter_code
;MFENITAAPADPILGLADLFRADERPGKINLGIGVYKDETGKTPVLTSVKKAEQYLLENETTKNYLGIDGIPEFGRCTQE
LLFGKGSALINDKRARTAQTPGGTGALRVAADFLAKNTSVKRVWVSNPSWPNHKSVFNSAGLEVREYAYYDAENHTLDFD
ALINSLNEAQAGDVVLFHGCCHNPTGIDPTLEQWQTLAQLSVEKGWLPLFDFAYQGFARGLEEDAEGLRAFAAMHKELIV
ASSYSKNFGLYNERVGACTLVAADSETVDRAFSQMKAAIRANYSNPPAHGASVVATILSNDALRAIWEQELTDMRQRIQR
MRQLFVNTLQEKGANRDFSFIIKQNGMFSFSGLTKEQVLRLREEFGVYAVASGRVNVAGMTPDNMAPLCEAIVAVL
;
_entity_poly.pdbx_strand_id   A
#
loop_
_chem_comp.id
_chem_comp.type
_chem_comp.name
_chem_comp.formula
GOL non-polymer GLYCEROL 'C3 H8 O3'
PL6 non-polymer '(E)-N-({3-hydroxy-2-methyl-5-[(phosphonooxy)methyl]pyridin-4-yl}methylidene)-L-glutamic acid' 'C13 H17 N2 O9 P'
#
# COMPACT_ATOMS: atom_id res chain seq x y z
N MET A 1 -14.73 -4.43 35.10
CA MET A 1 -15.09 -4.16 33.72
C MET A 1 -14.19 -4.90 32.74
N PHE A 2 -12.93 -5.08 33.11
CA PHE A 2 -11.93 -5.63 32.20
C PHE A 2 -11.55 -7.07 32.52
N GLU A 3 -12.06 -7.62 33.62
CA GLU A 3 -11.52 -8.90 34.10
C GLU A 3 -11.85 -10.08 33.19
N ASN A 4 -12.81 -9.92 32.29
CA ASN A 4 -13.22 -11.01 31.42
C ASN A 4 -12.81 -10.85 29.95
N ILE A 5 -12.03 -9.81 29.65
CA ILE A 5 -11.59 -9.59 28.28
C ILE A 5 -10.59 -10.66 27.84
N THR A 6 -10.80 -11.22 26.65
CA THR A 6 -9.91 -12.20 26.04
C THR A 6 -8.80 -11.49 25.27
N ALA A 7 -7.58 -12.02 25.31
CA ALA A 7 -6.47 -11.42 24.57
C ALA A 7 -6.69 -11.42 23.07
N ALA A 8 -6.26 -10.35 22.41
CA ALA A 8 -6.35 -10.28 20.96
C ALA A 8 -5.38 -11.28 20.34
N PRO A 9 -5.76 -11.84 19.19
CA PRO A 9 -4.80 -12.68 18.46
C PRO A 9 -3.63 -11.85 17.95
N ALA A 10 -2.48 -12.51 17.75
CA ALA A 10 -1.28 -11.83 17.26
C ALA A 10 -1.50 -11.29 15.85
N ASP A 11 -0.96 -10.10 15.58
CA ASP A 11 -1.02 -9.53 14.24
C ASP A 11 -0.05 -10.31 13.36
N PRO A 12 -0.55 -10.82 12.21
CA PRO A 12 0.25 -11.65 11.30
C PRO A 12 1.50 -10.96 10.77
N ILE A 13 1.46 -9.63 10.71
CA ILE A 13 2.60 -8.88 10.19
C ILE A 13 3.38 -8.17 11.30
N LEU A 14 2.72 -7.25 12.00
CA LEU A 14 3.44 -6.40 12.96
C LEU A 14 3.97 -7.19 14.14
N GLY A 15 3.33 -8.32 14.41
CA GLY A 15 3.74 -9.20 15.49
C GLY A 15 5.08 -9.87 15.24
N LEU A 16 5.58 -9.74 14.01
CA LEU A 16 6.89 -10.30 13.67
C LEU A 16 7.99 -9.49 14.31
N ALA A 17 7.74 -8.19 14.46
CA ALA A 17 8.70 -7.32 15.12
C ALA A 17 8.90 -7.77 16.55
N ASP A 18 7.83 -8.25 17.17
CA ASP A 18 7.90 -8.76 18.54
C ASP A 18 8.76 -10.02 18.59
N LEU A 19 8.49 -10.96 17.67
CA LEU A 19 9.27 -12.20 17.64
C LEU A 19 10.73 -11.92 17.28
N PHE A 20 10.92 -11.04 16.30
CA PHE A 20 12.25 -10.52 15.99
C PHE A 20 12.65 -9.64 17.19
N ARG A 21 13.90 -9.23 17.28
CA ARG A 21 14.37 -8.41 18.41
C ARG A 21 14.30 -9.17 19.75
N ALA A 22 13.24 -9.95 19.96
CA ALA A 22 13.20 -10.90 21.06
C ALA A 22 14.15 -12.06 20.77
N ASP A 23 14.46 -12.24 19.48
CA ASP A 23 15.38 -13.28 19.05
C ASP A 23 16.81 -12.80 19.29
N GLU A 24 17.55 -13.54 20.12
CA GLU A 24 18.85 -13.08 20.59
C GLU A 24 20.05 -13.48 19.73
N ARG A 25 19.85 -14.33 18.72
CA ARG A 25 21.00 -14.79 17.93
C ARG A 25 21.41 -13.77 16.86
N PRO A 26 22.73 -13.66 16.61
CA PRO A 26 23.35 -12.61 15.77
C PRO A 26 23.00 -12.64 14.29
N GLY A 27 22.81 -13.82 13.70
CA GLY A 27 22.68 -13.92 12.26
C GLY A 27 21.29 -13.75 11.69
N LYS A 28 20.35 -13.23 12.49
CA LYS A 28 18.95 -13.20 12.07
C LYS A 28 18.72 -12.23 10.88
N ILE A 29 17.76 -12.56 10.04
CA ILE A 29 17.49 -11.84 8.81
C ILE A 29 16.00 -11.51 8.75
N ASN A 30 15.66 -10.23 8.63
CA ASN A 30 14.27 -9.81 8.67
C ASN A 30 13.71 -9.55 7.26
N LEU A 31 12.85 -10.46 6.78
CA LEU A 31 12.17 -10.29 5.52
C LEU A 31 10.65 -10.15 5.70
N GLY A 32 10.21 -9.61 6.84
CA GLY A 32 8.80 -9.59 7.20
C GLY A 32 8.06 -8.31 6.82
N ILE A 33 7.98 -7.37 7.76
CA ILE A 33 7.26 -6.11 7.55
C ILE A 33 7.80 -5.37 6.31
N GLY A 34 6.88 -4.82 5.52
CA GLY A 34 7.19 -4.09 4.31
C GLY A 34 7.81 -2.71 4.51
N VAL A 35 9.08 -2.70 4.89
CA VAL A 35 9.84 -1.48 5.01
C VAL A 35 11.07 -1.62 4.12
N TYR A 36 11.39 -0.57 3.36
CA TYR A 36 12.57 -0.57 2.51
C TYR A 36 13.86 -0.62 3.33
N LYS A 37 14.82 -1.41 2.87
CA LYS A 37 16.18 -1.30 3.39
C LYS A 37 17.15 -0.96 2.28
N ASP A 38 18.19 -0.19 2.59
CA ASP A 38 19.23 0.07 1.61
C ASP A 38 20.24 -1.08 1.61
N GLU A 39 21.31 -0.91 0.86
CA GLU A 39 22.30 -1.97 0.67
C GLU A 39 23.01 -2.35 1.97
N THR A 40 22.94 -1.48 2.98
CA THR A 40 23.57 -1.76 4.28
C THR A 40 22.60 -2.37 5.29
N GLY A 41 21.35 -2.61 4.88
CA GLY A 41 20.38 -3.22 5.76
C GLY A 41 19.68 -2.25 6.68
N LYS A 42 19.81 -0.96 6.39
CA LYS A 42 19.18 0.08 7.21
C LYS A 42 18.02 0.73 6.47
N THR A 43 17.13 1.37 7.22
CA THR A 43 15.99 2.10 6.64
C THR A 43 16.24 3.60 6.87
N PRO A 44 17.03 4.26 5.99
CA PRO A 44 17.38 5.62 6.36
C PRO A 44 16.27 6.63 6.08
N VAL A 45 16.43 7.80 6.66
CA VAL A 45 15.60 8.94 6.29
C VAL A 45 16.08 9.40 4.92
N LEU A 46 15.16 9.66 4.00
CA LEU A 46 15.53 10.19 2.69
C LEU A 46 16.21 11.54 2.84
N THR A 47 17.17 11.82 1.95
CA THR A 47 17.88 13.10 2.00
C THR A 47 16.94 14.28 1.67
N SER A 48 16.04 14.08 0.71
CA SER A 48 15.02 15.08 0.41
C SER A 48 14.20 15.41 1.66
N VAL A 49 13.87 14.37 2.44
CA VAL A 49 13.09 14.55 3.66
C VAL A 49 13.89 15.32 4.72
N LYS A 50 15.16 14.96 4.94
CA LYS A 50 16.00 15.72 5.87
C LYS A 50 16.06 17.20 5.48
N LYS A 51 16.21 17.49 4.19
CA LYS A 51 16.26 18.87 3.73
C LYS A 51 14.95 19.61 4.00
N ALA A 52 13.83 18.95 3.72
CA ALA A 52 12.52 19.52 4.01
C ALA A 52 12.35 19.76 5.51
N GLU A 53 12.81 18.82 6.32
CA GLU A 53 12.68 18.97 7.77
C GLU A 53 13.51 20.13 8.30
N GLN A 54 14.69 20.34 7.70
CA GLN A 54 15.51 21.50 8.09
C GLN A 54 14.79 22.79 7.70
N TYR A 55 14.17 22.80 6.52
CA TYR A 55 13.41 23.98 6.12
C TYR A 55 12.26 24.26 7.09
N LEU A 56 11.53 23.22 7.49
CA LEU A 56 10.43 23.41 8.43
C LEU A 56 10.93 23.91 9.79
N LEU A 57 12.04 23.34 10.26
CA LEU A 57 12.64 23.77 11.52
C LEU A 57 12.94 25.27 11.49
N GLU A 58 13.47 25.72 10.36
CA GLU A 58 13.92 27.10 10.25
C GLU A 58 12.78 28.10 9.98
N ASN A 59 11.65 27.62 9.48
CA ASN A 59 10.62 28.55 8.97
C ASN A 59 9.23 28.42 9.59
N GLU A 60 8.95 27.29 10.25
CA GLU A 60 7.67 27.15 10.94
C GLU A 60 7.54 28.16 12.07
N THR A 61 6.42 28.88 12.13
CA THR A 61 6.24 29.86 13.18
C THR A 61 5.11 29.50 14.16
N THR A 62 4.39 28.41 13.89
CA THR A 62 3.29 27.98 14.75
C THR A 62 3.01 26.49 14.56
N LYS A 63 2.41 25.87 15.57
CA LYS A 63 1.84 24.51 15.43
C LYS A 63 0.33 24.56 15.51
N ASN A 64 -0.26 25.73 15.25
CA ASN A 64 -1.71 25.86 15.29
C ASN A 64 -2.38 24.77 14.44
N TYR A 65 -3.51 24.26 14.92
CA TYR A 65 -4.26 23.20 14.26
C TYR A 65 -4.42 23.41 12.75
N LEU A 66 -4.23 22.33 11.98
CA LEU A 66 -4.69 22.31 10.59
C LEU A 66 -6.21 22.21 10.54
N GLY A 67 -6.78 22.49 9.38
CA GLY A 67 -8.18 22.16 9.12
C GLY A 67 -8.38 20.66 9.24
N ILE A 68 -9.63 20.25 9.38
CA ILE A 68 -9.97 18.83 9.53
C ILE A 68 -9.36 18.03 8.37
N ASP A 69 -9.34 18.63 7.17
CA ASP A 69 -8.79 17.95 6.00
C ASP A 69 -7.31 18.22 5.71
N GLY A 70 -6.64 18.95 6.61
CA GLY A 70 -5.20 19.07 6.53
C GLY A 70 -4.70 20.20 5.66
N ILE A 71 -3.47 20.07 5.20
CA ILE A 71 -2.78 21.12 4.44
C ILE A 71 -3.29 21.20 3.01
N PRO A 72 -3.83 22.36 2.60
CA PRO A 72 -4.35 22.49 1.23
C PRO A 72 -3.36 22.11 0.13
N GLU A 73 -2.10 22.56 0.22
CA GLU A 73 -1.10 22.21 -0.78
C GLU A 73 -0.88 20.71 -0.90
N PHE A 74 -0.88 20.02 0.24
CA PHE A 74 -0.75 18.57 0.28
C PHE A 74 -1.87 17.90 -0.54
N GLY A 75 -3.09 18.41 -0.40
CA GLY A 75 -4.21 17.86 -1.16
C GLY A 75 -4.07 18.10 -2.65
N ARG A 76 -3.64 19.30 -3.03
CA ARG A 76 -3.46 19.61 -4.45
C ARG A 76 -2.37 18.73 -5.07
N CYS A 77 -1.27 18.57 -4.35
CA CYS A 77 -0.17 17.75 -4.86
C CYS A 77 -0.55 16.28 -4.97
N THR A 78 -1.31 15.80 -3.98
CA THR A 78 -1.82 14.44 -3.99
C THR A 78 -2.71 14.20 -5.21
N GLN A 79 -3.64 15.12 -5.48
CA GLN A 79 -4.55 14.92 -6.61
C GLN A 79 -3.77 14.94 -7.94
N GLU A 80 -2.72 15.74 -8.04
CA GLU A 80 -1.93 15.72 -9.27
C GLU A 80 -1.20 14.39 -9.46
N LEU A 81 -0.69 13.82 -8.38
CA LEU A 81 -0.04 12.50 -8.45
C LEU A 81 -1.02 11.40 -8.86
N LEU A 82 -2.21 11.43 -8.29
CA LEU A 82 -3.20 10.40 -8.57
C LEU A 82 -3.75 10.50 -9.99
N PHE A 83 -4.16 11.70 -10.38
CA PHE A 83 -4.99 11.84 -11.59
C PHE A 83 -4.27 12.46 -12.77
N GLY A 84 -3.14 13.12 -12.51
CA GLY A 84 -2.36 13.78 -13.55
C GLY A 84 -2.64 15.26 -13.63
N LYS A 85 -1.59 16.04 -13.85
CA LYS A 85 -1.77 17.46 -14.11
C LYS A 85 -2.67 17.64 -15.33
N GLY A 86 -3.67 18.49 -15.20
CA GLY A 86 -4.58 18.76 -16.32
C GLY A 86 -5.76 17.81 -16.40
N SER A 87 -5.86 16.90 -15.43
CA SER A 87 -6.96 15.95 -15.37
C SER A 87 -8.30 16.67 -15.34
N ALA A 88 -9.30 16.08 -15.99
CA ALA A 88 -10.66 16.61 -15.96
C ALA A 88 -11.23 16.61 -14.55
N LEU A 89 -10.87 15.60 -13.75
CA LEU A 89 -11.37 15.52 -12.37
C LEU A 89 -10.93 16.73 -11.58
N ILE A 90 -9.73 17.22 -11.88
CA ILE A 90 -9.20 18.36 -11.14
C ILE A 90 -9.81 19.65 -11.68
N ASN A 91 -9.88 19.79 -13.00
CA ASN A 91 -10.47 20.98 -13.61
C ASN A 91 -11.94 21.19 -13.25
N ASP A 92 -12.68 20.09 -13.15
CA ASP A 92 -14.11 20.14 -12.85
C ASP A 92 -14.37 20.15 -11.35
N LYS A 93 -13.29 20.13 -10.56
CA LYS A 93 -13.38 20.19 -9.10
C LYS A 93 -14.26 19.08 -8.56
N ARG A 94 -14.06 17.88 -9.11
CA ARG A 94 -14.84 16.71 -8.72
C ARG A 94 -14.20 15.92 -7.57
N ALA A 95 -13.00 16.32 -7.15
CA ALA A 95 -12.28 15.57 -6.12
C ALA A 95 -11.97 16.41 -4.87
N ARG A 96 -12.16 15.81 -3.69
CA ARG A 96 -11.78 16.45 -2.44
C ARG A 96 -10.85 15.51 -1.68
N THR A 97 -9.78 16.04 -1.09
CA THR A 97 -8.78 15.19 -0.41
C THR A 97 -8.65 15.57 1.05
N ALA A 98 -8.72 14.57 1.92
CA ALA A 98 -8.37 14.79 3.33
C ALA A 98 -7.03 14.15 3.61
N GLN A 99 -6.11 14.94 4.15
CA GLN A 99 -4.86 14.41 4.70
C GLN A 99 -5.18 13.52 5.90
N THR A 100 -4.62 12.31 5.96
CA THR A 100 -4.95 11.34 7.02
C THR A 100 -3.69 10.76 7.68
N PRO A 101 -3.83 10.14 8.87
CA PRO A 101 -2.67 9.45 9.45
C PRO A 101 -2.40 8.11 8.76
N GLY A 102 -1.60 8.16 7.71
CA GLY A 102 -1.25 6.96 6.95
C GLY A 102 -2.33 6.52 5.99
N GLY A 103 -1.96 5.57 5.13
CA GLY A 103 -2.93 4.89 4.28
C GLY A 103 -3.97 4.12 5.09
N THR A 104 -3.56 3.59 6.25
CA THR A 104 -4.51 2.86 7.10
C THR A 104 -5.58 3.84 7.58
N GLY A 105 -5.14 5.01 8.04
CA GLY A 105 -6.07 6.05 8.45
C GLY A 105 -7.04 6.43 7.34
N ALA A 106 -6.54 6.52 6.11
CA ALA A 106 -7.39 6.86 4.97
C ALA A 106 -8.42 5.74 4.70
N LEU A 107 -8.01 4.49 4.82
CA LEU A 107 -8.95 3.39 4.65
C LEU A 107 -10.05 3.42 5.72
N ARG A 108 -9.67 3.71 6.97
CA ARG A 108 -10.62 3.80 8.09
CA ARG A 108 -10.67 3.75 8.04
C ARG A 108 -11.62 4.93 7.88
N VAL A 109 -11.11 6.08 7.47
CA VAL A 109 -11.97 7.23 7.25
C VAL A 109 -12.96 6.93 6.10
N ALA A 110 -12.47 6.29 5.06
CA ALA A 110 -13.34 5.89 3.95
C ALA A 110 -14.45 4.97 4.45
N ALA A 111 -14.06 3.98 5.24
CA ALA A 111 -14.99 2.98 5.75
C ALA A 111 -16.06 3.60 6.65
N ASP A 112 -15.63 4.45 7.58
CA ASP A 112 -16.57 5.14 8.47
C ASP A 112 -17.52 6.01 7.66
N PHE A 113 -16.96 6.76 6.71
CA PHE A 113 -17.76 7.60 5.84
C PHE A 113 -18.82 6.78 5.12
N LEU A 114 -18.40 5.67 4.52
CA LEU A 114 -19.33 4.81 3.79
C LEU A 114 -20.38 4.16 4.70
N ALA A 115 -19.95 3.66 5.87
CA ALA A 115 -20.90 2.96 6.74
C ALA A 115 -21.99 3.90 7.21
N LYS A 116 -21.64 5.15 7.50
CA LYS A 116 -22.60 6.08 8.09
C LYS A 116 -23.44 6.89 7.09
N ASN A 117 -22.97 7.04 5.86
CA ASN A 117 -23.60 7.97 4.93
C ASN A 117 -24.13 7.36 3.64
N THR A 118 -23.88 6.07 3.45
CA THR A 118 -24.36 5.39 2.23
C THR A 118 -25.03 4.07 2.56
N SER A 119 -25.51 3.39 1.53
CA SER A 119 -26.12 2.08 1.71
C SER A 119 -25.09 0.95 1.66
N VAL A 120 -23.80 1.27 1.63
CA VAL A 120 -22.77 0.23 1.55
C VAL A 120 -22.81 -0.69 2.77
N LYS A 121 -22.80 -1.99 2.51
CA LYS A 121 -22.73 -2.99 3.58
C LYS A 121 -21.56 -3.94 3.42
N ARG A 122 -21.00 -4.00 2.21
CA ARG A 122 -20.03 -5.02 1.83
C ARG A 122 -18.85 -4.46 1.04
N VAL A 123 -17.65 -4.91 1.37
CA VAL A 123 -16.46 -4.58 0.58
CA VAL A 123 -16.42 -4.59 0.62
C VAL A 123 -15.81 -5.87 0.07
N TRP A 124 -15.54 -5.92 -1.23
CA TRP A 124 -14.87 -7.07 -1.84
C TRP A 124 -13.36 -6.86 -1.89
N VAL A 125 -12.61 -7.83 -1.37
CA VAL A 125 -11.15 -7.73 -1.26
C VAL A 125 -10.55 -8.96 -1.91
N SER A 126 -9.41 -8.80 -2.57
CA SER A 126 -8.78 -9.94 -3.25
C SER A 126 -8.33 -11.00 -2.26
N ASN A 127 -8.40 -12.24 -2.70
CA ASN A 127 -7.77 -13.33 -1.99
C ASN A 127 -6.55 -13.77 -2.78
N PRO A 128 -5.34 -13.49 -2.28
CA PRO A 128 -4.94 -12.90 -1.00
C PRO A 128 -4.89 -11.37 -1.02
N SER A 129 -4.79 -10.77 0.16
CA SER A 129 -4.59 -9.32 0.26
C SER A 129 -3.77 -9.02 1.50
N TRP A 130 -3.68 -7.75 1.84
CA TRP A 130 -3.13 -7.30 3.12
C TRP A 130 -4.09 -7.66 4.24
N PRO A 131 -3.61 -8.37 5.28
CA PRO A 131 -4.51 -8.90 6.33
C PRO A 131 -5.28 -7.82 7.08
N ASN A 132 -4.74 -6.61 7.14
CA ASN A 132 -5.41 -5.56 7.90
C ASN A 132 -6.61 -4.97 7.16
N HIS A 133 -6.82 -5.30 5.88
CA HIS A 133 -8.01 -4.79 5.19
C HIS A 133 -9.28 -5.27 5.91
N LYS A 134 -9.34 -6.55 6.22
CA LYS A 134 -10.55 -7.09 6.84
C LYS A 134 -10.80 -6.39 8.17
N SER A 135 -9.74 -6.19 8.94
CA SER A 135 -9.85 -5.56 10.25
C SER A 135 -10.39 -4.14 10.18
N VAL A 136 -9.87 -3.34 9.25
CA VAL A 136 -10.34 -1.96 9.19
CA VAL A 136 -10.32 -1.96 9.12
C VAL A 136 -11.80 -1.89 8.73
N PHE A 137 -12.18 -2.65 7.72
CA PHE A 137 -13.57 -2.57 7.25
C PHE A 137 -14.54 -3.16 8.27
N ASN A 138 -14.18 -4.27 8.91
CA ASN A 138 -15.05 -4.83 9.96
C ASN A 138 -15.25 -3.86 11.12
N SER A 139 -14.20 -3.10 11.44
CA SER A 139 -14.27 -2.18 12.58
C SER A 139 -15.31 -1.09 12.35
N ALA A 140 -15.55 -0.77 11.08
CA ALA A 140 -16.56 0.21 10.69
C ALA A 140 -17.95 -0.40 10.53
N GLY A 141 -18.04 -1.72 10.69
CA GLY A 141 -19.32 -2.41 10.59
C GLY A 141 -19.63 -2.92 9.21
N LEU A 142 -18.62 -2.99 8.35
CA LEU A 142 -18.80 -3.49 6.98
C LEU A 142 -18.34 -4.93 6.89
N GLU A 143 -19.08 -5.75 6.16
CA GLU A 143 -18.64 -7.12 5.96
C GLU A 143 -17.66 -7.16 4.78
N VAL A 144 -16.79 -8.15 4.80
CA VAL A 144 -15.76 -8.28 3.79
C VAL A 144 -15.96 -9.62 3.11
N ARG A 145 -16.00 -9.61 1.78
CA ARG A 145 -16.07 -10.83 0.99
C ARG A 145 -14.85 -10.88 0.08
N GLU A 146 -14.44 -12.07 -0.33
CA GLU A 146 -13.22 -12.21 -1.08
C GLU A 146 -13.45 -12.57 -2.53
N TYR A 147 -12.64 -12.00 -3.42
CA TYR A 147 -12.66 -12.44 -4.81
C TYR A 147 -11.36 -13.13 -5.22
N ALA A 148 -11.47 -14.07 -6.17
CA ALA A 148 -10.31 -14.80 -6.65
C ALA A 148 -9.36 -13.86 -7.38
N TYR A 149 -8.08 -14.18 -7.35
CA TYR A 149 -7.10 -13.25 -7.91
C TYR A 149 -5.92 -13.96 -8.56
N TYR A 150 -5.38 -14.95 -7.88
CA TYR A 150 -4.04 -15.47 -8.17
C TYR A 150 -4.07 -16.89 -8.70
N ASP A 151 -3.43 -17.10 -9.85
CA ASP A 151 -3.14 -18.43 -10.38
C ASP A 151 -1.74 -18.82 -9.92
N ALA A 152 -1.65 -19.69 -8.92
CA ALA A 152 -0.36 -20.02 -8.33
C ALA A 152 0.45 -20.99 -9.20
N GLU A 153 -0.22 -21.71 -10.10
CA GLU A 153 0.51 -22.62 -10.98
C GLU A 153 1.35 -21.83 -11.97
N ASN A 154 0.74 -20.82 -12.57
CA ASN A 154 1.42 -20.03 -13.59
C ASN A 154 1.95 -18.70 -13.06
N HIS A 155 1.68 -18.43 -11.78
CA HIS A 155 2.09 -17.18 -11.14
C HIS A 155 1.60 -15.98 -11.92
N THR A 156 0.33 -16.00 -12.28
CA THR A 156 -0.27 -14.92 -13.03
C THR A 156 -1.55 -14.45 -12.37
N LEU A 157 -2.14 -13.42 -12.94
CA LEU A 157 -3.45 -12.93 -12.54
C LEU A 157 -4.52 -13.85 -13.14
N ASP A 158 -5.26 -14.55 -12.30
CA ASP A 158 -6.34 -15.40 -12.82
C ASP A 158 -7.55 -14.53 -13.13
N PHE A 159 -7.53 -13.90 -14.31
CA PHE A 159 -8.53 -12.91 -14.64
C PHE A 159 -9.93 -13.48 -14.78
N ASP A 160 -10.05 -14.70 -15.30
CA ASP A 160 -11.37 -15.29 -15.45
C ASP A 160 -11.98 -15.63 -14.09
N ALA A 161 -11.15 -16.12 -13.17
CA ALA A 161 -11.63 -16.45 -11.83
C ALA A 161 -12.03 -15.18 -11.08
N LEU A 162 -11.26 -14.11 -11.29
CA LEU A 162 -11.57 -12.81 -10.68
C LEU A 162 -12.95 -12.33 -11.11
N ILE A 163 -13.18 -12.31 -12.42
CA ILE A 163 -14.47 -11.89 -12.97
C ILE A 163 -15.64 -12.75 -12.49
N ASN A 164 -15.48 -14.07 -12.52
CA ASN A 164 -16.55 -14.94 -12.04
C ASN A 164 -16.83 -14.77 -10.55
N SER A 165 -15.78 -14.56 -9.76
CA SER A 165 -15.93 -14.27 -8.34
C SER A 165 -16.81 -13.05 -8.12
N LEU A 166 -16.50 -12.00 -8.86
CA LEU A 166 -17.16 -10.71 -8.66
C LEU A 166 -18.57 -10.68 -9.21
N ASN A 167 -18.98 -11.73 -9.92
CA ASN A 167 -20.37 -11.84 -10.34
C ASN A 167 -21.32 -11.90 -9.15
N GLU A 168 -20.80 -12.34 -8.00
CA GLU A 168 -21.60 -12.44 -6.79
C GLU A 168 -21.74 -11.07 -6.11
N ALA A 169 -20.90 -10.12 -6.51
CA ALA A 169 -21.01 -8.75 -6.01
C ALA A 169 -22.27 -8.09 -6.58
N GLN A 170 -22.99 -7.36 -5.74
CA GLN A 170 -24.21 -6.72 -6.16
C GLN A 170 -23.96 -5.23 -6.40
N ALA A 171 -24.81 -4.59 -7.19
CA ALA A 171 -24.70 -3.14 -7.37
C ALA A 171 -24.74 -2.46 -5.99
N GLY A 172 -23.83 -1.53 -5.77
CA GLY A 172 -23.80 -0.82 -4.50
C GLY A 172 -22.78 -1.39 -3.52
N ASP A 173 -22.17 -2.51 -3.88
CA ASP A 173 -21.04 -3.06 -3.11
C ASP A 173 -19.77 -2.26 -3.45
N VAL A 174 -18.82 -2.24 -2.52
CA VAL A 174 -17.51 -1.67 -2.78
C VAL A 174 -16.57 -2.77 -3.26
N VAL A 175 -15.75 -2.46 -4.26
CA VAL A 175 -14.70 -3.39 -4.66
C VAL A 175 -13.38 -2.69 -4.47
N LEU A 176 -12.51 -3.32 -3.67
CA LEU A 176 -11.20 -2.77 -3.35
C LEU A 176 -10.17 -3.24 -4.37
N PHE A 177 -9.46 -2.29 -4.99
CA PHE A 177 -8.36 -2.61 -5.90
C PHE A 177 -7.03 -2.07 -5.36
N HIS A 178 -5.96 -2.86 -5.43
CA HIS A 178 -4.63 -2.31 -5.15
C HIS A 178 -4.15 -1.55 -6.39
N GLY A 179 -3.74 -0.30 -6.21
CA GLY A 179 -3.41 0.54 -7.37
C GLY A 179 -2.26 0.02 -8.21
N CYS A 180 -1.23 -0.46 -7.50
CA CYS A 180 -0.06 -1.08 -8.12
C CYS A 180 0.64 -1.86 -7.03
N CYS A 181 1.57 -2.74 -7.42
CA CYS A 181 2.33 -3.52 -6.43
C CYS A 181 1.42 -4.29 -5.47
N HIS A 182 0.60 -5.17 -6.04
CA HIS A 182 -0.32 -5.97 -5.22
C HIS A 182 0.38 -6.62 -4.03
N ASN A 183 -0.19 -6.43 -2.84
CA ASN A 183 0.33 -7.00 -1.61
C ASN A 183 -0.62 -8.15 -1.25
N PRO A 184 -0.15 -9.42 -1.30
CA PRO A 184 1.25 -9.85 -1.33
C PRO A 184 1.81 -10.36 -2.66
N THR A 185 1.00 -10.49 -3.71
CA THR A 185 1.44 -11.28 -4.85
C THR A 185 2.46 -10.55 -5.75
N GLY A 186 2.44 -9.23 -5.75
CA GLY A 186 3.25 -8.48 -6.70
C GLY A 186 2.74 -8.55 -8.13
N ILE A 187 1.54 -9.09 -8.33
CA ILE A 187 0.96 -9.20 -9.66
C ILE A 187 -0.16 -8.18 -9.84
N ASP A 188 0.01 -7.30 -10.81
CA ASP A 188 -0.96 -6.25 -11.11
C ASP A 188 -1.69 -6.53 -12.42
N PRO A 189 -2.92 -6.01 -12.56
CA PRO A 189 -3.58 -6.05 -13.87
C PRO A 189 -2.77 -5.31 -14.92
N THR A 190 -2.81 -5.80 -16.15
CA THR A 190 -2.26 -5.04 -17.26
C THR A 190 -3.16 -3.84 -17.50
N LEU A 191 -2.68 -2.86 -18.27
CA LEU A 191 -3.52 -1.74 -18.64
C LEU A 191 -4.82 -2.20 -19.29
N GLU A 192 -4.77 -3.19 -20.17
CA GLU A 192 -5.99 -3.66 -20.83
C GLU A 192 -6.93 -4.34 -19.83
N GLN A 193 -6.37 -5.05 -18.86
CA GLN A 193 -7.18 -5.65 -17.80
C GLN A 193 -7.81 -4.60 -16.89
N TRP A 194 -7.04 -3.55 -16.58
CA TRP A 194 -7.58 -2.41 -15.84
C TRP A 194 -8.73 -1.77 -16.61
N GLN A 195 -8.56 -1.63 -17.92
CA GLN A 195 -9.58 -0.98 -18.73
C GLN A 195 -10.85 -1.83 -18.79
N THR A 196 -10.68 -3.15 -18.88
CA THR A 196 -11.82 -4.06 -18.82
C THR A 196 -12.54 -3.97 -17.47
N LEU A 197 -11.77 -3.98 -16.39
CA LEU A 197 -12.33 -3.88 -15.05
C LEU A 197 -13.05 -2.55 -14.83
N ALA A 198 -12.51 -1.47 -15.39
CA ALA A 198 -13.16 -0.15 -15.27
C ALA A 198 -14.54 -0.18 -15.92
N GLN A 199 -14.60 -0.75 -17.12
CA GLN A 199 -15.86 -0.88 -17.85
C GLN A 199 -16.84 -1.79 -17.09
N LEU A 200 -16.35 -2.91 -16.59
CA LEU A 200 -17.21 -3.85 -15.88
C LEU A 200 -17.76 -3.26 -14.58
N SER A 201 -16.94 -2.51 -13.84
CA SER A 201 -17.42 -1.93 -12.59
C SER A 201 -18.49 -0.87 -12.84
N VAL A 202 -18.37 -0.13 -13.95
CA VAL A 202 -19.43 0.81 -14.32
C VAL A 202 -20.75 0.07 -14.60
N GLU A 203 -20.69 -0.96 -15.43
CA GLU A 203 -21.88 -1.72 -15.82
C GLU A 203 -22.55 -2.45 -14.65
N LYS A 204 -21.72 -2.88 -13.69
CA LYS A 204 -22.18 -3.65 -12.53
C LYS A 204 -22.59 -2.77 -11.34
N GLY A 205 -22.26 -1.49 -11.39
CA GLY A 205 -22.60 -0.57 -10.31
C GLY A 205 -21.77 -0.75 -9.04
N TRP A 206 -20.51 -1.15 -9.19
CA TRP A 206 -19.60 -1.23 -8.04
C TRP A 206 -19.02 0.14 -7.71
N LEU A 207 -18.80 0.43 -6.43
CA LEU A 207 -18.03 1.60 -6.03
C LEU A 207 -16.55 1.21 -5.89
N PRO A 208 -15.68 1.74 -6.75
CA PRO A 208 -14.26 1.39 -6.63
C PRO A 208 -13.61 2.10 -5.46
N LEU A 209 -12.84 1.33 -4.69
CA LEU A 209 -12.02 1.88 -3.63
C LEU A 209 -10.60 1.45 -3.95
N PHE A 210 -9.73 2.42 -4.25
CA PHE A 210 -8.33 2.10 -4.51
C PHE A 210 -7.48 2.24 -3.26
N ASP A 211 -6.66 1.23 -2.99
CA ASP A 211 -5.63 1.31 -1.98
C ASP A 211 -4.32 1.50 -2.73
N PHE A 212 -3.69 2.66 -2.56
CA PHE A 212 -2.56 3.05 -3.38
C PHE A 212 -1.40 3.38 -2.44
N ALA A 213 -0.70 2.34 -1.98
CA ALA A 213 0.37 2.54 -0.99
C ALA A 213 1.77 2.52 -1.60
N TYR A 214 1.89 2.17 -2.88
CA TYR A 214 3.21 1.94 -3.46
C TYR A 214 3.46 2.68 -4.76
N GLN A 215 2.84 3.83 -4.96
CA GLN A 215 3.00 4.55 -6.22
C GLN A 215 4.46 4.87 -6.46
N GLY A 216 4.99 4.43 -7.60
CA GLY A 216 6.39 4.62 -7.92
C GLY A 216 7.26 3.38 -7.79
N PHE A 217 6.76 2.31 -7.18
CA PHE A 217 7.59 1.13 -6.95
C PHE A 217 7.46 0.03 -8.01
N ALA A 218 6.47 0.13 -8.89
CA ALA A 218 6.32 -0.87 -9.96
C ALA A 218 7.12 -0.45 -11.19
N ARG A 219 6.71 0.64 -11.84
CA ARG A 219 7.43 1.14 -13.02
C ARG A 219 7.77 2.63 -12.90
N GLY A 220 6.88 3.40 -12.29
CA GLY A 220 7.13 4.83 -12.12
C GLY A 220 5.87 5.53 -11.66
N LEU A 221 5.99 6.79 -11.25
CA LEU A 221 4.83 7.49 -10.68
C LEU A 221 3.65 7.53 -11.64
N GLU A 222 3.88 7.99 -12.86
CA GLU A 222 2.78 8.11 -13.81
C GLU A 222 2.28 6.76 -14.27
N GLU A 223 3.23 5.87 -14.58
CA GLU A 223 2.91 4.51 -15.02
C GLU A 223 2.05 3.76 -13.99
N ASP A 224 2.40 3.88 -12.72
CA ASP A 224 1.72 3.12 -11.68
C ASP A 224 0.30 3.62 -11.44
N ALA A 225 -0.01 4.82 -11.91
CA ALA A 225 -1.35 5.36 -11.71
C ALA A 225 -2.27 5.12 -12.93
N GLU A 226 -1.77 4.46 -13.96
CA GLU A 226 -2.57 4.19 -15.17
C GLU A 226 -3.90 3.48 -14.91
N GLY A 227 -3.87 2.47 -14.03
CA GLY A 227 -5.08 1.74 -13.68
C GLY A 227 -6.11 2.63 -13.03
N LEU A 228 -5.69 3.36 -12.00
CA LEU A 228 -6.56 4.33 -11.34
C LEU A 228 -7.15 5.31 -12.35
N ARG A 229 -6.31 5.82 -13.25
CA ARG A 229 -6.78 6.84 -14.18
C ARG A 229 -7.76 6.25 -15.20
N ALA A 230 -7.58 4.98 -15.53
CA ALA A 230 -8.55 4.31 -16.41
C ALA A 230 -9.91 4.25 -15.73
N PHE A 231 -9.91 3.98 -14.43
CA PHE A 231 -11.14 3.99 -13.65
C PHE A 231 -11.72 5.40 -13.55
N ALA A 232 -10.86 6.39 -13.33
CA ALA A 232 -11.31 7.79 -13.21
C ALA A 232 -12.00 8.30 -14.47
N ALA A 233 -11.57 7.80 -15.62
CA ALA A 233 -12.11 8.24 -16.90
C ALA A 233 -13.51 7.67 -17.14
N MET A 234 -13.84 6.61 -16.42
CA MET A 234 -15.09 5.89 -16.65
C MET A 234 -16.14 6.12 -15.55
N HIS A 235 -15.70 6.43 -14.34
CA HIS A 235 -16.59 6.50 -13.18
C HIS A 235 -16.93 7.93 -12.76
N LYS A 236 -18.19 8.11 -12.32
CA LYS A 236 -18.61 9.36 -11.69
C LYS A 236 -18.06 9.42 -10.26
N GLU A 237 -17.99 8.28 -9.59
CA GLU A 237 -17.62 8.22 -8.17
C GLU A 237 -16.57 7.16 -7.87
N LEU A 238 -15.64 7.49 -6.98
CA LEU A 238 -14.70 6.50 -6.47
C LEU A 238 -14.01 7.07 -5.23
N ILE A 239 -13.27 6.23 -4.52
CA ILE A 239 -12.49 6.69 -3.37
C ILE A 239 -11.06 6.16 -3.51
N VAL A 240 -10.07 7.00 -3.20
CA VAL A 240 -8.69 6.57 -3.17
C VAL A 240 -8.11 6.74 -1.78
N ALA A 241 -7.56 5.65 -1.23
CA ALA A 241 -6.81 5.71 0.01
C ALA A 241 -5.35 5.51 -0.32
N SER A 242 -4.56 6.58 -0.23
CA SER A 242 -3.17 6.49 -0.66
C SER A 242 -2.23 6.76 0.52
N SER A 243 -0.98 6.30 0.38
CA SER A 243 0.02 6.40 1.43
C SER A 243 1.34 6.93 0.90
N TYR A 244 1.99 7.74 1.72
CA TYR A 244 3.35 8.19 1.42
C TYR A 244 4.36 7.53 2.33
N SER A 245 3.93 6.50 3.08
CA SER A 245 4.83 5.82 4.01
C SER A 245 6.05 5.23 3.31
N LYS A 246 5.83 4.52 2.22
CA LYS A 246 6.89 3.83 1.52
CA LYS A 246 6.92 3.83 1.53
C LYS A 246 7.65 4.74 0.55
N ASN A 247 6.90 5.44 -0.30
CA ASN A 247 7.61 6.19 -1.34
C ASN A 247 8.29 7.48 -0.84
N PHE A 248 8.02 7.90 0.40
CA PHE A 248 8.83 8.98 1.00
C PHE A 248 9.65 8.47 2.18
N GLY A 249 9.55 7.18 2.48
CA GLY A 249 10.19 6.62 3.66
C GLY A 249 9.76 7.31 4.94
N LEU A 250 8.47 7.65 5.02
CA LEU A 250 7.93 8.41 6.15
C LEU A 250 6.99 7.57 7.01
N TYR A 251 7.23 6.26 7.02
CA TYR A 251 6.41 5.30 7.76
C TYR A 251 5.83 5.81 9.08
N ASN A 252 6.69 6.23 10.01
CA ASN A 252 6.18 6.52 11.35
C ASN A 252 5.61 7.92 11.53
N GLU A 253 5.60 8.71 10.45
CA GLU A 253 5.04 10.07 10.57
C GLU A 253 3.56 10.09 10.16
N ARG A 254 3.08 8.96 9.62
CA ARG A 254 1.65 8.71 9.34
CA ARG A 254 1.65 8.76 9.36
C ARG A 254 1.12 9.74 8.32
N VAL A 255 1.52 9.55 7.07
CA VAL A 255 1.21 10.48 5.98
C VAL A 255 0.42 9.76 4.90
N GLY A 256 -0.87 10.05 4.80
CA GLY A 256 -1.70 9.44 3.77
C GLY A 256 -2.79 10.40 3.36
N ALA A 257 -3.66 9.92 2.47
CA ALA A 257 -4.72 10.75 1.96
C ALA A 257 -5.93 9.92 1.61
N CYS A 258 -7.10 10.47 1.93
CA CYS A 258 -8.36 9.90 1.48
C CYS A 258 -8.98 10.85 0.47
N THR A 259 -9.08 10.42 -0.79
CA THR A 259 -9.58 11.28 -1.85
C THR A 259 -10.95 10.78 -2.31
N LEU A 260 -11.92 11.68 -2.22
CA LEU A 260 -13.30 11.42 -2.57
C LEU A 260 -13.61 12.04 -3.94
N VAL A 261 -14.16 11.24 -4.86
CA VAL A 261 -14.52 11.75 -6.19
C VAL A 261 -16.01 11.57 -6.40
N ALA A 262 -16.69 12.62 -6.87
CA ALA A 262 -18.12 12.52 -7.23
C ALA A 262 -18.39 13.13 -8.60
N ALA A 263 -19.64 13.08 -9.04
CA ALA A 263 -19.97 13.45 -10.42
C ALA A 263 -19.73 14.94 -10.69
N ASP A 264 -19.90 15.77 -9.67
CA ASP A 264 -19.71 17.20 -9.84
C ASP A 264 -19.27 17.86 -8.55
N SER A 265 -18.91 19.13 -8.65
CA SER A 265 -18.37 19.90 -7.54
C SER A 265 -19.36 19.99 -6.38
N GLU A 266 -20.64 20.22 -6.71
CA GLU A 266 -21.64 20.43 -5.67
C GLU A 266 -21.83 19.15 -4.83
N THR A 267 -21.84 18.02 -5.52
CA THR A 267 -22.02 16.72 -4.87
C THR A 267 -20.81 16.33 -4.03
N VAL A 268 -19.61 16.48 -4.58
CA VAL A 268 -18.44 16.06 -3.80
C VAL A 268 -18.27 16.95 -2.58
N ASP A 269 -18.63 18.23 -2.68
CA ASP A 269 -18.47 19.12 -1.53
C ASP A 269 -19.44 18.74 -0.41
N ARG A 270 -20.66 18.40 -0.80
CA ARG A 270 -21.68 18.01 0.15
C ARG A 270 -21.29 16.69 0.82
N ALA A 271 -20.84 15.72 0.00
CA ALA A 271 -20.43 14.43 0.55
C ALA A 271 -19.16 14.55 1.44
N PHE A 272 -18.20 15.37 1.00
CA PHE A 272 -16.97 15.58 1.77
C PHE A 272 -17.24 16.17 3.15
N SER A 273 -18.30 16.95 3.30
CA SER A 273 -18.58 17.54 4.61
C SER A 273 -18.84 16.41 5.63
N GLN A 274 -19.43 15.31 5.18
CA GLN A 274 -19.65 14.17 6.06
C GLN A 274 -18.38 13.34 6.28
N MET A 275 -17.47 13.35 5.33
CA MET A 275 -16.17 12.75 5.53
C MET A 275 -15.42 13.53 6.61
N LYS A 276 -15.51 14.86 6.56
CA LYS A 276 -14.86 15.66 7.60
C LYS A 276 -15.50 15.42 8.96
N ALA A 277 -16.82 15.21 9.00
CA ALA A 277 -17.47 14.92 10.27
C ALA A 277 -16.93 13.62 10.86
N ALA A 278 -16.70 12.64 9.98
CA ALA A 278 -16.19 11.33 10.40
C ALA A 278 -14.77 11.46 10.94
N ILE A 279 -13.99 12.35 10.34
CA ILE A 279 -12.64 12.61 10.85
C ILE A 279 -12.66 13.33 12.20
N ARG A 280 -13.51 14.35 12.32
CA ARG A 280 -13.60 15.13 13.54
C ARG A 280 -13.89 14.24 14.76
N ALA A 281 -14.70 13.19 14.55
CA ALA A 281 -15.11 12.29 15.62
C ALA A 281 -14.13 11.15 15.84
N ASN A 282 -13.03 11.14 15.08
CA ASN A 282 -11.99 10.12 15.19
C ASN A 282 -10.72 10.70 15.81
N TYR A 283 -9.97 11.51 15.06
CA TYR A 283 -8.71 12.08 15.60
C TYR A 283 -8.67 13.61 15.44
N SER A 284 -9.80 14.19 15.04
CA SER A 284 -10.05 15.64 14.97
C SER A 284 -9.41 16.34 13.74
N ASN A 285 -8.09 16.24 13.61
CA ASN A 285 -7.39 16.86 12.49
C ASN A 285 -6.03 16.17 12.39
N PRO A 286 -5.36 16.26 11.23
CA PRO A 286 -4.24 15.31 11.02
C PRO A 286 -2.86 15.85 11.41
N PRO A 287 -1.86 14.95 11.54
CA PRO A 287 -0.53 15.38 11.99
C PRO A 287 0.25 16.10 10.90
N ALA A 288 0.74 17.27 11.26
CA ALA A 288 1.30 18.18 10.26
C ALA A 288 2.67 17.79 9.74
N HIS A 289 3.55 17.23 10.58
CA HIS A 289 4.97 17.19 10.22
C HIS A 289 5.23 16.40 8.92
N GLY A 290 4.75 15.16 8.85
CA GLY A 290 5.00 14.32 7.68
C GLY A 290 4.38 14.88 6.42
N ALA A 291 3.11 15.29 6.53
CA ALA A 291 2.42 15.85 5.37
C ALA A 291 3.05 17.19 4.94
N SER A 292 3.53 17.99 5.89
CA SER A 292 4.21 19.23 5.53
C SER A 292 5.51 18.94 4.77
N VAL A 293 6.21 17.89 5.18
CA VAL A 293 7.40 17.44 4.46
C VAL A 293 7.03 17.07 3.02
N VAL A 294 5.97 16.28 2.86
CA VAL A 294 5.57 15.86 1.52
C VAL A 294 5.17 17.06 0.65
N ALA A 295 4.39 17.97 1.22
CA ALA A 295 3.95 19.17 0.48
C ALA A 295 5.14 20.06 0.09
N THR A 296 6.07 20.22 1.03
CA THR A 296 7.27 21.04 0.81
C THR A 296 8.11 20.48 -0.35
N ILE A 297 8.27 19.16 -0.37
CA ILE A 297 9.01 18.49 -1.43
C ILE A 297 8.28 18.54 -2.77
N LEU A 298 7.01 18.14 -2.80
CA LEU A 298 6.29 18.03 -4.06
C LEU A 298 6.10 19.39 -4.75
N SER A 299 6.11 20.46 -3.97
CA SER A 299 5.81 21.78 -4.54
C SER A 299 7.08 22.59 -4.82
N ASN A 300 8.24 21.97 -4.65
CA ASN A 300 9.51 22.66 -4.92
C ASN A 300 10.32 21.90 -5.97
N ASP A 301 10.77 22.57 -7.03
CA ASP A 301 11.39 21.86 -8.15
C ASP A 301 12.66 21.13 -7.72
N ALA A 302 13.48 21.80 -6.90
CA ALA A 302 14.75 21.22 -6.47
C ALA A 302 14.51 19.99 -5.59
N LEU A 303 13.71 20.14 -4.55
CA LEU A 303 13.47 19.01 -3.64
C LEU A 303 12.77 17.86 -4.34
N ARG A 304 11.82 18.17 -5.21
CA ARG A 304 11.09 17.11 -5.88
C ARG A 304 12.00 16.31 -6.80
N ALA A 305 13.01 16.97 -7.39
CA ALA A 305 13.95 16.25 -8.24
C ALA A 305 14.81 15.29 -7.43
N ILE A 306 15.28 15.75 -6.27
CA ILE A 306 16.04 14.90 -5.37
C ILE A 306 15.21 13.70 -4.94
N TRP A 307 13.96 13.97 -4.50
CA TRP A 307 13.09 12.90 -4.06
C TRP A 307 12.77 11.89 -5.18
N GLU A 308 12.42 12.36 -6.37
CA GLU A 308 12.10 11.44 -7.46
C GLU A 308 13.28 10.53 -7.77
N GLN A 309 14.51 11.04 -7.68
CA GLN A 309 15.66 10.17 -7.92
C GLN A 309 15.84 9.17 -6.77
N GLU A 310 15.58 9.59 -5.53
CA GLU A 310 15.68 8.67 -4.39
C GLU A 310 14.66 7.53 -4.55
N LEU A 311 13.46 7.86 -4.99
CA LEU A 311 12.44 6.84 -5.24
C LEU A 311 12.88 5.91 -6.37
N THR A 312 13.43 6.46 -7.44
CA THR A 312 13.98 5.64 -8.50
C THR A 312 15.09 4.73 -7.98
N ASP A 313 15.95 5.24 -7.10
CA ASP A 313 17.04 4.44 -6.53
C ASP A 313 16.48 3.23 -5.76
N MET A 314 15.41 3.46 -4.99
CA MET A 314 14.79 2.39 -4.21
C MET A 314 14.19 1.33 -5.14
N ARG A 315 13.42 1.76 -6.13
CA ARG A 315 12.82 0.83 -7.08
CA ARG A 315 12.83 0.84 -7.09
C ARG A 315 13.88 -0.01 -7.79
N GLN A 316 14.95 0.63 -8.25
CA GLN A 316 16.00 -0.09 -8.97
C GLN A 316 16.78 -1.05 -8.05
N ARG A 317 16.98 -0.69 -6.77
CA ARG A 317 17.69 -1.60 -5.88
C ARG A 317 16.85 -2.86 -5.64
N ILE A 318 15.54 -2.69 -5.51
CA ILE A 318 14.66 -3.85 -5.33
C ILE A 318 14.73 -4.77 -6.56
N GLN A 319 14.73 -4.16 -7.75
CA GLN A 319 14.82 -4.95 -8.98
C GLN A 319 16.14 -5.72 -9.03
N ARG A 320 17.24 -5.07 -8.63
CA ARG A 320 18.53 -5.75 -8.57
C ARG A 320 18.50 -6.90 -7.57
N MET A 321 17.77 -6.74 -6.46
CA MET A 321 17.69 -7.82 -5.48
C MET A 321 16.84 -8.98 -6.00
N ARG A 322 15.82 -8.68 -6.79
CA ARG A 322 15.01 -9.73 -7.39
C ARG A 322 15.87 -10.65 -8.23
N GLN A 323 16.74 -10.05 -9.03
CA GLN A 323 17.60 -10.84 -9.92
C GLN A 323 18.65 -11.63 -9.13
N LEU A 324 19.26 -10.97 -8.15
CA LEU A 324 20.27 -11.61 -7.31
C LEU A 324 19.68 -12.78 -6.52
N PHE A 325 18.45 -12.61 -6.06
CA PHE A 325 17.70 -13.65 -5.34
C PHE A 325 17.52 -14.90 -6.21
N VAL A 326 16.95 -14.69 -7.40
CA VAL A 326 16.74 -15.79 -8.32
C VAL A 326 18.06 -16.48 -8.68
N ASN A 327 19.12 -15.71 -8.94
CA ASN A 327 20.40 -16.30 -9.32
C ASN A 327 21.03 -17.09 -8.17
N THR A 328 20.94 -16.55 -6.96
CA THR A 328 21.59 -17.16 -5.81
C THR A 328 20.85 -18.42 -5.36
N LEU A 329 19.53 -18.45 -5.53
CA LEU A 329 18.76 -19.65 -5.25
C LEU A 329 19.20 -20.81 -6.14
N GLN A 330 19.47 -20.51 -7.41
CA GLN A 330 19.92 -21.54 -8.35
C GLN A 330 21.30 -22.04 -7.94
N GLU A 331 22.22 -21.14 -7.63
CA GLU A 331 23.41 -21.52 -6.88
C GLU A 331 22.93 -22.03 -5.53
N LYS A 332 23.81 -22.65 -4.74
CA LYS A 332 23.43 -23.10 -3.40
CA LYS A 332 23.47 -23.13 -3.40
C LYS A 332 22.31 -24.15 -3.35
N GLY A 333 21.67 -24.44 -4.48
CA GLY A 333 20.61 -25.44 -4.44
C GLY A 333 19.71 -25.65 -5.63
N ALA A 334 18.39 -25.55 -5.41
CA ALA A 334 17.37 -25.89 -6.42
C ALA A 334 17.64 -25.18 -7.75
N ASN A 335 17.36 -25.75 -8.93
CA ASN A 335 16.60 -26.97 -9.29
C ASN A 335 15.08 -26.77 -9.19
N ARG A 336 14.66 -25.51 -9.14
CA ARG A 336 13.26 -25.12 -9.43
C ARG A 336 13.25 -23.75 -10.10
N ASP A 337 12.22 -23.50 -10.91
CA ASP A 337 12.11 -22.24 -11.63
C ASP A 337 11.57 -21.13 -10.73
N PHE A 338 12.37 -20.09 -10.54
CA PHE A 338 11.94 -18.92 -9.77
C PHE A 338 11.89 -17.67 -10.64
N SER A 339 11.89 -17.85 -11.95
CA SER A 339 11.93 -16.71 -12.86
C SER A 339 10.74 -15.76 -12.66
N PHE A 340 9.62 -16.29 -12.19
CA PHE A 340 8.43 -15.47 -11.95
C PHE A 340 8.69 -14.37 -10.92
N ILE A 341 9.68 -14.56 -10.05
CA ILE A 341 10.01 -13.55 -9.03
C ILE A 341 10.51 -12.26 -9.67
N ILE A 342 11.14 -12.37 -10.84
CA ILE A 342 11.68 -11.21 -11.54
C ILE A 342 10.58 -10.29 -12.08
N LYS A 343 9.42 -10.86 -12.40
CA LYS A 343 8.36 -10.08 -13.04
C LYS A 343 7.44 -9.40 -12.03
N GLN A 344 7.51 -9.82 -10.77
CA GLN A 344 6.63 -9.30 -9.73
C GLN A 344 6.98 -7.84 -9.41
N ASN A 345 5.98 -7.06 -9.05
CA ASN A 345 6.14 -5.63 -8.79
C ASN A 345 6.08 -5.30 -7.31
N GLY A 346 6.98 -4.41 -6.87
CA GLY A 346 6.90 -3.92 -5.51
C GLY A 346 7.97 -4.52 -4.63
N MET A 347 7.74 -4.52 -3.32
CA MET A 347 8.71 -4.95 -2.33
CA MET A 347 8.81 -4.97 -2.46
C MET A 347 8.70 -6.45 -2.10
N PHE A 348 7.58 -7.08 -2.43
CA PHE A 348 7.39 -8.46 -2.00
C PHE A 348 7.59 -9.50 -3.08
N SER A 349 8.00 -10.70 -2.66
CA SER A 349 7.81 -11.83 -3.54
C SER A 349 7.00 -12.87 -2.80
N PHE A 350 6.12 -13.51 -3.53
CA PHE A 350 5.21 -14.49 -3.00
C PHE A 350 5.81 -15.80 -3.47
N SER A 351 6.65 -16.38 -2.62
CA SER A 351 7.70 -17.31 -3.06
C SER A 351 7.34 -18.79 -3.17
N GLY A 352 6.14 -19.17 -2.74
CA GLY A 352 5.74 -20.56 -2.82
C GLY A 352 6.03 -21.37 -1.56
N LEU A 353 6.62 -20.73 -0.56
CA LEU A 353 6.82 -21.36 0.74
C LEU A 353 5.51 -21.59 1.49
N THR A 354 5.39 -22.74 2.15
CA THR A 354 4.25 -23.01 3.02
C THR A 354 4.39 -22.35 4.39
N LYS A 355 3.28 -22.36 5.13
CA LYS A 355 3.27 -21.87 6.51
C LYS A 355 4.34 -22.56 7.37
N GLU A 356 4.47 -23.87 7.20
CA GLU A 356 5.42 -24.64 8.00
C GLU A 356 6.86 -24.39 7.58
N GLN A 357 7.08 -24.20 6.28
CA GLN A 357 8.41 -23.85 5.80
C GLN A 357 8.84 -22.49 6.36
N VAL A 358 7.90 -21.57 6.44
CA VAL A 358 8.19 -20.25 7.02
C VAL A 358 8.49 -20.38 8.52
N LEU A 359 7.75 -21.24 9.21
CA LEU A 359 8.02 -21.43 10.64
C LEU A 359 9.40 -22.02 10.84
N ARG A 360 9.75 -22.98 10.00
CA ARG A 360 11.05 -23.62 10.10
C ARG A 360 12.17 -22.62 9.83
N LEU A 361 11.96 -21.76 8.84
CA LEU A 361 12.94 -20.73 8.53
C LEU A 361 13.22 -19.86 9.74
N ARG A 362 12.17 -19.50 10.46
CA ARG A 362 12.29 -18.68 11.66
C ARG A 362 12.98 -19.44 12.79
N GLU A 363 12.47 -20.61 13.12
CA GLU A 363 12.96 -21.36 14.28
C GLU A 363 14.36 -21.92 14.08
N GLU A 364 14.62 -22.53 12.93
CA GLU A 364 15.91 -23.16 12.69
C GLU A 364 16.98 -22.17 12.20
N PHE A 365 16.60 -21.20 11.38
CA PHE A 365 17.60 -20.37 10.67
C PHE A 365 17.58 -18.88 10.99
N GLY A 366 16.60 -18.43 11.77
CA GLY A 366 16.52 -17.02 12.11
C GLY A 366 16.20 -16.13 10.92
N VAL A 367 15.55 -16.71 9.90
CA VAL A 367 15.09 -15.95 8.74
C VAL A 367 13.58 -15.74 8.91
N TYR A 368 13.15 -14.48 8.88
CA TYR A 368 11.78 -14.11 9.27
C TYR A 368 10.93 -13.68 8.06
N ALA A 369 9.88 -14.44 7.76
CA ALA A 369 8.92 -14.07 6.71
C ALA A 369 7.50 -14.16 7.28
N VAL A 370 6.50 -13.74 6.51
CA VAL A 370 5.10 -13.83 6.93
C VAL A 370 4.59 -15.24 6.62
N ALA A 371 3.64 -15.72 7.41
CA ALA A 371 3.18 -17.11 7.29
C ALA A 371 2.59 -17.41 5.91
N SER A 372 2.15 -16.37 5.21
CA SER A 372 1.63 -16.54 3.85
C SER A 372 2.70 -16.96 2.85
N GLY A 373 3.96 -16.86 3.24
CA GLY A 373 5.06 -17.13 2.32
C GLY A 373 5.62 -15.85 1.69
N ARG A 374 5.00 -14.72 2.02
CA ARG A 374 5.47 -13.43 1.52
C ARG A 374 6.83 -13.06 2.09
N VAL A 375 7.77 -12.71 1.21
CA VAL A 375 9.07 -12.21 1.67
C VAL A 375 9.32 -10.80 1.16
N ASN A 376 9.96 -9.98 1.98
CA ASN A 376 10.32 -8.62 1.62
C ASN A 376 11.64 -8.58 0.86
N VAL A 377 11.58 -8.48 -0.47
CA VAL A 377 12.79 -8.45 -1.27
C VAL A 377 13.61 -7.20 -0.97
N ALA A 378 12.93 -6.13 -0.55
CA ALA A 378 13.61 -4.88 -0.22
C ALA A 378 14.44 -5.04 1.06
N GLY A 379 14.27 -6.16 1.75
CA GLY A 379 15.08 -6.44 2.93
C GLY A 379 16.31 -7.27 2.63
N MET A 380 16.44 -7.69 1.38
CA MET A 380 17.60 -8.47 0.97
C MET A 380 18.76 -7.55 0.61
N THR A 381 19.97 -8.00 0.93
CA THR A 381 21.19 -7.26 0.62
C THR A 381 22.23 -8.19 0.02
N PRO A 382 23.23 -7.63 -0.68
CA PRO A 382 24.33 -8.48 -1.15
C PRO A 382 24.96 -9.30 -0.01
N ASP A 383 25.03 -8.71 1.17
CA ASP A 383 25.63 -9.37 2.34
C ASP A 383 24.77 -10.47 2.98
N ASN A 384 23.44 -10.33 2.97
CA ASN A 384 22.64 -11.37 3.62
C ASN A 384 22.06 -12.37 2.63
N MET A 385 22.34 -12.20 1.35
CA MET A 385 21.69 -13.04 0.34
C MET A 385 22.09 -14.51 0.42
N ALA A 386 23.37 -14.79 0.61
CA ALA A 386 23.80 -16.19 0.63
C ALA A 386 23.21 -16.98 1.82
N PRO A 387 23.34 -16.47 3.07
CA PRO A 387 22.72 -17.23 4.16
C PRO A 387 21.21 -17.39 4.00
N LEU A 388 20.57 -16.36 3.45
CA LEU A 388 19.13 -16.36 3.21
C LEU A 388 18.75 -17.50 2.26
N CYS A 389 19.46 -17.57 1.14
CA CYS A 389 19.16 -18.56 0.12
C CYS A 389 19.55 -19.97 0.56
N GLU A 390 20.64 -20.08 1.32
CA GLU A 390 21.00 -21.38 1.90
C GLU A 390 19.88 -21.90 2.81
N ALA A 391 19.28 -21.00 3.58
CA ALA A 391 18.20 -21.35 4.50
C ALA A 391 16.97 -21.81 3.74
N ILE A 392 16.60 -21.06 2.70
CA ILE A 392 15.41 -21.38 1.93
C ILE A 392 15.59 -22.72 1.22
N VAL A 393 16.75 -22.94 0.62
CA VAL A 393 17.02 -24.20 -0.03
C VAL A 393 16.93 -25.37 0.97
N ALA A 394 17.37 -25.14 2.20
CA ALA A 394 17.31 -26.19 3.22
C ALA A 394 15.89 -26.61 3.57
N VAL A 395 14.92 -25.69 3.47
CA VAL A 395 13.53 -26.04 3.83
C VAL A 395 12.74 -26.48 2.59
N LEU A 396 13.43 -26.46 1.44
CA LEU A 396 12.91 -26.78 0.09
C LEU A 396 12.15 -25.62 -0.52
OAE PL6 B . 0.59 4.29 5.42
PAY PL6 B . 0.35 2.98 6.13
OAI PL6 B . 1.52 2.53 6.95
OAD PL6 B . -0.92 3.02 6.96
OAQ PL6 B . 0.12 1.90 4.97
CAN PL6 B . -0.64 0.73 5.26
CAU PL6 B . -0.86 -0.13 4.04
CAK PL6 B . -2.04 -0.03 3.30
NAO PL6 B . -2.29 -0.79 2.23
CAT PL6 B . -1.43 -1.72 1.78
CAA PL6 B . -1.77 -2.55 0.55
CAV PL6 B . -0.13 -1.94 2.45
OAH PL6 B . 0.71 -2.88 2.00
CAW PL6 B . 0.18 -1.13 3.65
CAJ PL6 B . 1.47 -1.31 4.43
N PL6 B . 1.90 -2.72 4.51
CA PL6 B . 2.80 -3.27 5.25
C PL6 B . 3.05 -4.70 5.11
OXT PL6 B . 4.07 -5.22 5.61
O PL6 B . 2.23 -5.40 4.46
CB PL6 B . 3.57 -2.43 6.26
CG PL6 B . 3.24 -2.86 7.68
CD PL6 B . 1.74 -2.96 7.88
OE2 PL6 B . 1.08 -1.93 8.17
OE1 PL6 B . 1.22 -4.08 7.74
C1 GOL C . -16.76 -10.80 9.84
O1 GOL C . -16.22 -12.05 9.49
C2 GOL C . -17.95 -10.52 8.94
O2 GOL C . -18.40 -9.19 9.13
C3 GOL C . -17.53 -10.69 7.50
O3 GOL C . -16.52 -9.77 7.17
C1 GOL D . -4.20 27.82 -0.52
O1 GOL D . -5.45 27.18 -0.47
C2 GOL D . -3.30 27.25 0.56
O2 GOL D . -2.00 27.02 0.05
C3 GOL D . -3.25 28.20 1.74
O3 GOL D . -4.46 28.11 2.45
C1 GOL E . 14.72 2.05 -14.41
O1 GOL E . 13.56 2.63 -13.86
C2 GOL E . 14.75 0.60 -13.98
O2 GOL E . 13.49 0.30 -13.43
C3 GOL E . 15.00 -0.27 -15.20
O3 GOL E . 14.04 0.03 -16.19
C1 GOL F . -13.83 22.99 9.57
O1 GOL F . -14.04 23.29 8.19
C2 GOL F . -12.35 22.99 9.92
O2 GOL F . -11.63 22.24 8.98
C3 GOL F . -11.88 24.45 9.90
O3 GOL F . -10.65 24.52 10.57
C1 GOL G . -17.78 19.33 7.89
O1 GOL G . -17.45 20.70 7.76
C2 GOL G . -18.32 19.04 9.28
O2 GOL G . -18.92 20.24 9.76
C3 GOL G . -17.15 18.61 10.17
O3 GOL G . -17.54 18.73 11.53
#